data_9GRR
#
_entry.id   9GRR
#
_cell.length_a   98.430
_cell.length_b   98.430
_cell.length_c   126.170
_cell.angle_alpha   90.000
_cell.angle_beta   90.000
_cell.angle_gamma   90.000
#
_symmetry.space_group_name_H-M   'I 4 2 2'
#
loop_
_entity.id
_entity.type
_entity.pdbx_description
1 polymer 'Oleoyl-acyl carrier protein thioesterase 1, chloroplastic'
2 non-polymer (1~{S},2~{R},4~{R})-1-methyl-2-[(2-methylphenyl)methoxy]-4-propan-2-yl-7-oxabicyclo[2.2.1]heptane
3 non-polymer 'SULFATE ION'
4 non-polymer GLYCEROL
5 water water
#
_entity_poly.entity_id   1
_entity_poly.type   'polypeptide(L)'
_entity_poly.pdbx_seq_one_letter_code
;MGSLTEDGLSYKEKFVVRSYEVGSNKTATVETIANLLQEVGCNHAQSVGFSTDGFATTTTMRKLHLIWVTARMHIEIYKY
PAWGDVVEIETWCQSEGRIGTRRDWILKDSVTGEVTGRATSKWVMMNQDTRRLQKVSDDVRDEYLVFCPQEPRLAFPEEN
NRSLKKIPKLEDPAQYSMIGLKPRRADLDMNQHVNNVTYIGWVLESIPQEIVDTHELQVITLDYRRECQQDDVVDSLTTT
TSEIGGTNGSATSGTQGHNDSQFLHLLRLSGDGQEINRGTTLWRKKPSSHHHHHH
;
_entity_poly.pdbx_strand_id   AaA
#
loop_
_chem_comp.id
_chem_comp.type
_chem_comp.name
_chem_comp.formula
A1IOW non-polymer (1~{S},2~{R},4~{R})-1-methyl-2-[(2-methylphenyl)methoxy]-4-propan-2-yl-7-oxabicyclo[2.2.1]heptane 'C18 H26 O2'
GOL non-polymer GLYCEROL 'C3 H8 O3'
SO4 non-polymer 'SULFATE ION' 'O4 S -2'
#
# COMPACT_ATOMS: atom_id res chain seq x y z
N GLY A 2 -0.69 -17.60 9.53
CA GLY A 2 0.55 -16.85 9.87
C GLY A 2 0.65 -16.72 11.37
N SER A 3 1.73 -16.09 11.79
CA SER A 3 2.04 -15.99 13.24
CA SER A 3 2.09 -16.04 13.23
C SER A 3 3.10 -14.93 13.50
N LEU A 4 3.06 -14.41 14.72
CA LEU A 4 4.22 -13.66 15.22
C LEU A 4 5.44 -14.57 15.19
N THR A 5 6.60 -14.00 14.96
CA THR A 5 7.88 -14.70 15.09
C THR A 5 8.19 -14.90 16.58
N GLU A 6 9.20 -15.74 16.84
CA GLU A 6 9.66 -16.14 18.18
C GLU A 6 9.78 -14.92 19.12
N ASP A 7 10.44 -13.86 18.63
CA ASP A 7 10.73 -12.67 19.47
C ASP A 7 9.53 -11.75 19.59
N GLY A 8 8.42 -12.01 18.87
CA GLY A 8 7.20 -11.22 19.01
C GLY A 8 7.26 -9.90 18.27
N LEU A 9 8.31 -9.61 17.50
CA LEU A 9 8.50 -8.26 16.93
C LEU A 9 8.29 -8.22 15.42
N SER A 10 7.87 -9.33 14.81
CA SER A 10 7.48 -9.31 13.39
C SER A 10 6.50 -10.45 13.19
N TYR A 11 5.87 -10.47 12.02
CA TYR A 11 4.77 -11.40 11.72
C TYR A 11 5.01 -11.94 10.33
N LYS A 12 4.84 -13.26 10.18
CA LYS A 12 4.99 -13.91 8.85
C LYS A 12 3.70 -14.61 8.47
N GLU A 13 3.39 -14.58 7.17
CA GLU A 13 2.25 -15.33 6.64
C GLU A 13 2.59 -15.82 5.23
N LYS A 14 2.13 -17.04 4.92
CA LYS A 14 2.26 -17.60 3.56
C LYS A 14 0.94 -17.49 2.81
N PHE A 15 1.07 -17.24 1.53
CA PHE A 15 -0.10 -17.16 0.62
C PHE A 15 0.16 -18.03 -0.59
N VAL A 16 -0.85 -18.82 -0.99
CA VAL A 16 -0.80 -19.61 -2.25
C VAL A 16 -1.49 -18.77 -3.32
N VAL A 17 -0.75 -18.34 -4.32
CA VAL A 17 -1.28 -17.41 -5.38
C VAL A 17 -2.47 -18.08 -6.08
N ARG A 18 -3.58 -17.39 -6.15
CA ARG A 18 -4.86 -17.93 -6.69
C ARG A 18 -4.99 -17.58 -8.18
N SER A 19 -5.76 -18.40 -8.88
CA SER A 19 -5.96 -18.25 -10.35
C SER A 19 -6.42 -16.84 -10.70
N TYR A 20 -7.35 -16.32 -9.92
CA TYR A 20 -8.00 -15.03 -10.23
C TYR A 20 -7.13 -13.86 -9.79
N GLU A 21 -6.06 -14.13 -9.07
CA GLU A 21 -5.08 -13.09 -8.63
C GLU A 21 -4.04 -12.77 -9.68
N VAL A 22 -3.95 -13.53 -10.79
CA VAL A 22 -2.84 -13.31 -11.76
C VAL A 22 -3.37 -12.65 -13.03
N GLY A 23 -2.46 -11.96 -13.72
CA GLY A 23 -2.71 -11.25 -14.99
C GLY A 23 -2.20 -12.06 -16.17
N SER A 24 -1.94 -11.41 -17.31
CA SER A 24 -1.65 -12.09 -18.61
C SER A 24 -0.39 -12.95 -18.53
N ASN A 25 0.64 -12.52 -17.78
CA ASN A 25 1.93 -13.24 -17.67
C ASN A 25 1.80 -14.39 -16.66
N LYS A 26 0.58 -14.67 -16.18
CA LYS A 26 0.31 -15.80 -15.26
C LYS A 26 1.13 -15.57 -14.01
N THR A 27 1.33 -14.31 -13.64
CA THR A 27 1.92 -14.00 -12.32
C THR A 27 1.02 -13.01 -11.60
N ALA A 28 1.14 -13.01 -10.28
CA ALA A 28 0.29 -12.14 -9.42
C ALA A 28 0.37 -10.70 -9.90
N THR A 29 -0.77 -10.02 -9.91
CA THR A 29 -0.79 -8.57 -10.22
C THR A 29 -0.21 -7.76 -9.06
N VAL A 30 0.21 -6.55 -9.32
CA VAL A 30 0.70 -5.68 -8.21
C VAL A 30 -0.48 -5.33 -7.30
N GLU A 31 -1.72 -5.30 -7.79
CA GLU A 31 -2.87 -5.12 -6.87
C GLU A 31 -3.02 -6.32 -5.95
N THR A 32 -2.82 -7.54 -6.45
CA THR A 32 -2.85 -8.70 -5.54
C THR A 32 -1.75 -8.50 -4.51
N ILE A 33 -0.54 -8.15 -4.93
CA ILE A 33 0.56 -8.00 -3.95
C ILE A 33 0.14 -6.95 -2.93
N ALA A 34 -0.43 -5.82 -3.32
CA ALA A 34 -0.79 -4.79 -2.32
C ALA A 34 -1.87 -5.30 -1.39
N ASN A 35 -2.82 -6.10 -1.88
CA ASN A 35 -3.83 -6.69 -0.99
C ASN A 35 -3.14 -7.60 0.03
N LEU A 36 -2.20 -8.42 -0.42
CA LEU A 36 -1.50 -9.33 0.52
C LEU A 36 -0.72 -8.52 1.56
N LEU A 37 -0.10 -7.42 1.16
CA LEU A 37 0.63 -6.55 2.15
C LEU A 37 -0.36 -6.08 3.20
N GLN A 38 -1.54 -5.62 2.79
CA GLN A 38 -2.56 -5.14 3.75
C GLN A 38 -3.00 -6.30 4.65
N GLU A 39 -3.26 -7.48 4.09
CA GLU A 39 -3.75 -8.63 4.87
C GLU A 39 -2.72 -9.00 5.96
N VAL A 40 -1.46 -9.14 5.59
CA VAL A 40 -0.46 -9.58 6.61
C VAL A 40 -0.34 -8.46 7.65
N GLY A 41 -0.46 -7.21 7.27
CA GLY A 41 -0.45 -6.08 8.23
C GLY A 41 -1.63 -6.12 9.18
N CYS A 42 -2.81 -6.43 8.65
CA CYS A 42 -4.04 -6.53 9.49
CA CYS A 42 -4.05 -6.55 9.47
C CYS A 42 -3.89 -7.72 10.46
N ASN A 43 -3.39 -8.85 9.98
CA ASN A 43 -3.21 -10.04 10.86
C ASN A 43 -2.17 -9.73 11.93
N HIS A 44 -1.12 -9.01 11.57
CA HIS A 44 -0.10 -8.60 12.58
C HIS A 44 -0.78 -7.74 13.64
N ALA A 45 -1.54 -6.75 13.27
CA ALA A 45 -2.28 -5.86 14.19
C ALA A 45 -3.20 -6.68 15.10
N GLN A 46 -3.95 -7.63 14.54
CA GLN A 46 -4.84 -8.46 15.38
CA GLN A 46 -4.83 -8.51 15.34
C GLN A 46 -3.99 -9.30 16.35
N SER A 47 -2.84 -9.79 15.93
CA SER A 47 -2.02 -10.71 16.75
C SER A 47 -1.49 -9.99 18.01
N VAL A 48 -1.41 -8.66 18.01
CA VAL A 48 -0.89 -7.91 19.19
C VAL A 48 -2.02 -7.15 19.91
N GLY A 49 -3.29 -7.40 19.56
CA GLY A 49 -4.47 -6.85 20.28
C GLY A 49 -5.00 -5.50 19.81
N PHE A 50 -4.74 -5.06 18.58
CA PHE A 50 -5.16 -3.72 18.07
C PHE A 50 -6.49 -3.70 17.30
N SER A 51 -6.99 -4.83 16.80
CA SER A 51 -8.11 -4.82 15.82
C SER A 51 -9.47 -4.89 16.52
N ASP A 53 -12.20 -4.81 14.36
CA ASP A 53 -13.33 -3.87 14.08
C ASP A 53 -13.10 -3.04 12.81
N GLY A 54 -12.12 -3.41 11.98
CA GLY A 54 -11.81 -2.73 10.71
C GLY A 54 -10.72 -1.70 10.86
N PHE A 55 -10.65 -1.06 12.03
CA PHE A 55 -9.55 -0.10 12.34
C PHE A 55 -8.68 -0.75 13.40
N ALA A 56 -7.44 -0.95 12.99
CA ALA A 56 -6.33 -1.18 13.91
C ALA A 56 -6.10 0.12 14.67
N THR A 57 -6.30 0.09 15.98
CA THR A 57 -6.11 1.27 16.85
C THR A 57 -5.49 0.83 18.15
N THR A 58 -4.67 1.68 18.73
CA THR A 58 -4.25 1.54 20.14
C THR A 58 -5.40 2.03 21.06
N THR A 59 -5.25 1.81 22.35
CA THR A 59 -6.28 2.24 23.33
C THR A 59 -6.46 3.74 23.28
N THR A 60 -5.36 4.51 23.31
CA THR A 60 -5.46 5.98 23.32
C THR A 60 -5.97 6.46 21.96
N MET A 61 -5.57 5.82 20.86
CA MET A 61 -6.13 6.22 19.54
C MET A 61 -7.66 6.09 19.59
N ARG A 62 -8.19 4.98 20.11
CA ARG A 62 -9.65 4.77 20.10
C ARG A 62 -10.30 5.88 20.94
N LYS A 63 -9.72 6.22 22.08
CA LYS A 63 -10.30 7.25 22.97
C LYS A 63 -10.36 8.59 22.21
N LEU A 64 -9.37 8.89 21.38
CA LEU A 64 -9.23 10.20 20.67
C LEU A 64 -9.77 10.18 19.24
N HIS A 65 -10.42 9.10 18.83
CA HIS A 65 -11.01 8.94 17.49
CA HIS A 65 -11.00 8.93 17.49
C HIS A 65 -9.92 9.11 16.43
N LEU A 66 -8.73 8.56 16.71
CA LEU A 66 -7.62 8.55 15.72
C LEU A 66 -7.58 7.22 15.01
N ILE A 67 -7.20 7.32 13.75
CA ILE A 67 -6.87 6.15 12.91
C ILE A 67 -5.50 6.36 12.27
N TRP A 68 -4.88 5.26 11.84
CA TRP A 68 -3.71 5.34 10.94
C TRP A 68 -4.19 5.49 9.51
N VAL A 69 -3.60 6.42 8.77
CA VAL A 69 -3.85 6.60 7.32
C VAL A 69 -2.50 6.57 6.60
N THR A 70 -2.49 6.05 5.38
CA THR A 70 -1.24 5.95 4.60
C THR A 70 -0.85 7.34 4.11
N ALA A 71 0.37 7.76 4.39
CA ALA A 71 1.00 8.96 3.79
C ALA A 71 1.81 8.56 2.57
N ARG A 72 2.56 7.49 2.64
CA ARG A 72 3.45 7.06 1.52
C ARG A 72 3.47 5.54 1.46
N MET A 73 3.47 5.01 0.25
CA MET A 73 3.65 3.57 0.00
C MET A 73 4.72 3.39 -1.06
N HIS A 74 5.67 2.52 -0.82
CA HIS A 74 6.80 2.30 -1.75
C HIS A 74 6.99 0.79 -1.89
N ILE A 75 6.77 0.27 -3.10
CA ILE A 75 6.85 -1.18 -3.33
C ILE A 75 7.85 -1.45 -4.43
N GLU A 76 8.76 -2.41 -4.24
CA GLU A 76 9.69 -2.87 -5.30
C GLU A 76 9.50 -4.38 -5.46
N ILE A 77 9.21 -4.82 -6.69
CA ILE A 77 9.03 -6.26 -6.97
C ILE A 77 10.09 -6.72 -7.94
N TYR A 78 10.88 -7.70 -7.51
CA TYR A 78 11.91 -8.32 -8.38
C TYR A 78 11.26 -9.39 -9.26
N LYS A 79 10.39 -10.21 -8.68
CA LYS A 79 9.72 -11.32 -9.40
C LYS A 79 8.31 -11.45 -8.84
N TYR A 80 7.32 -11.42 -9.70
CA TYR A 80 5.91 -11.69 -9.33
C TYR A 80 5.70 -13.19 -9.27
N PRO A 81 5.07 -13.68 -8.20
CA PRO A 81 4.84 -15.12 -8.07
C PRO A 81 3.77 -15.64 -9.04
N ALA A 82 3.84 -16.92 -9.45
N ALA A 82 4.10 -16.80 -9.60
CA ALA A 82 2.85 -17.58 -10.35
CA ALA A 82 3.22 -17.53 -10.50
C ALA A 82 1.64 -18.19 -9.60
C ALA A 82 2.04 -18.05 -9.69
N TRP A 83 0.53 -18.48 -10.29
N TRP A 83 0.95 -18.14 -10.39
CA TRP A 83 -0.63 -19.28 -9.76
CA TRP A 83 -0.23 -18.93 -10.00
C TRP A 83 -0.08 -20.56 -9.15
C TRP A 83 0.18 -20.27 -9.34
N GLY A 84 -0.44 -20.83 -7.89
N GLY A 84 -0.29 -20.48 -8.09
CA GLY A 84 0.03 -22.04 -7.21
CA GLY A 84 -0.11 -21.68 -7.25
C GLY A 84 1.32 -21.82 -6.46
C GLY A 84 1.22 -21.74 -6.50
N ASP A 85 2.09 -20.75 -6.74
CA ASP A 85 3.33 -20.49 -5.96
C ASP A 85 2.97 -20.05 -4.55
N VAL A 86 3.88 -20.36 -3.63
CA VAL A 86 3.73 -19.96 -2.21
C VAL A 86 4.66 -18.79 -1.94
N VAL A 87 4.07 -17.67 -1.51
CA VAL A 87 4.89 -16.48 -1.17
C VAL A 87 4.77 -16.30 0.34
N GLU A 88 5.91 -16.03 0.98
CA GLU A 88 5.90 -15.74 2.43
C GLU A 88 6.22 -14.25 2.58
N ILE A 89 5.39 -13.59 3.36
CA ILE A 89 5.61 -12.13 3.61
C ILE A 89 5.89 -11.94 5.10
N GLU A 90 7.01 -11.27 5.41
CA GLU A 90 7.31 -10.88 6.79
C GLU A 90 7.05 -9.37 6.88
N THR A 91 6.44 -8.95 7.98
CA THR A 91 6.16 -7.51 8.19
C THR A 91 6.51 -7.15 9.62
N TRP A 92 6.83 -5.88 9.78
CA TRP A 92 7.13 -5.29 11.10
C TRP A 92 6.90 -3.79 11.02
N CYS A 93 6.88 -3.15 12.18
CA CYS A 93 6.72 -1.71 12.25
C CYS A 93 7.84 -1.10 13.07
N GLN A 94 8.05 0.19 12.88
CA GLN A 94 8.94 0.98 13.74
C GLN A 94 8.31 2.34 13.97
N SER A 95 8.56 2.88 15.17
CA SER A 95 8.23 4.27 15.48
C SER A 95 8.94 5.24 14.53
N GLU A 96 8.25 6.27 14.10
CA GLU A 96 8.87 7.46 13.43
C GLU A 96 8.71 8.66 14.36
N GLY A 97 8.94 8.48 15.65
CA GLY A 97 8.87 9.59 16.60
C GLY A 97 7.48 10.19 16.58
N ARG A 98 7.40 11.50 16.52
CA ARG A 98 6.10 12.20 16.50
C ARG A 98 5.47 12.15 15.11
N ILE A 99 6.24 11.85 14.08
CA ILE A 99 5.75 11.95 12.68
C ILE A 99 4.66 10.91 12.44
N GLY A 100 4.90 9.68 12.83
CA GLY A 100 3.98 8.58 12.47
C GLY A 100 4.69 7.26 12.72
N THR A 101 4.30 6.29 11.93
CA THR A 101 4.63 4.89 12.13
C THR A 101 5.01 4.28 10.78
N ARG A 102 6.11 3.56 10.74
CA ARG A 102 6.57 2.87 9.51
C ARG A 102 6.10 1.43 9.56
N ARG A 103 5.59 0.89 8.45
CA ARG A 103 5.43 -0.57 8.28
C ARG A 103 6.24 -1.00 7.08
N ASP A 104 7.04 -2.03 7.27
CA ASP A 104 7.90 -2.63 6.23
C ASP A 104 7.46 -4.07 5.96
N TRP A 105 7.73 -4.50 4.76
CA TRP A 105 7.50 -5.90 4.37
C TRP A 105 8.67 -6.43 3.54
N ILE A 106 8.90 -7.73 3.63
CA ILE A 106 9.79 -8.51 2.74
C ILE A 106 8.99 -9.69 2.20
N LEU A 107 9.05 -9.86 0.88
CA LEU A 107 8.37 -11.01 0.21
C LEU A 107 9.43 -11.99 -0.24
N LYS A 108 9.19 -13.24 0.04
CA LYS A 108 10.09 -14.35 -0.37
C LYS A 108 9.28 -15.39 -1.15
N ASP A 109 9.97 -16.05 -2.06
CA ASP A 109 9.53 -17.35 -2.61
C ASP A 109 9.85 -18.37 -1.53
N SER A 110 8.81 -19.01 -1.01
CA SER A 110 8.87 -19.98 0.11
C SER A 110 9.77 -21.17 -0.22
N VAL A 111 9.88 -21.52 -1.50
CA VAL A 111 10.65 -22.72 -1.94
C VAL A 111 12.15 -22.38 -1.97
N THR A 112 12.55 -21.33 -2.67
CA THR A 112 13.99 -20.96 -2.85
C THR A 112 14.50 -20.12 -1.68
N GLY A 113 13.59 -19.52 -0.89
CA GLY A 113 13.96 -18.58 0.18
C GLY A 113 14.49 -17.25 -0.36
N GLU A 114 14.44 -17.04 -1.67
CA GLU A 114 14.96 -15.79 -2.28
C GLU A 114 13.94 -14.67 -2.01
N VAL A 115 14.48 -13.49 -1.74
CA VAL A 115 13.66 -12.26 -1.65
C VAL A 115 13.19 -11.93 -3.05
N THR A 116 11.90 -11.79 -3.21
CA THR A 116 11.26 -11.48 -4.50
C THR A 116 10.64 -10.07 -4.48
N GLY A 117 10.58 -9.41 -3.32
CA GLY A 117 10.02 -8.05 -3.27
C GLY A 117 10.22 -7.43 -1.91
N ARG A 118 10.06 -6.11 -1.86
CA ARG A 118 10.14 -5.38 -0.57
CA ARG A 118 10.14 -5.37 -0.58
C ARG A 118 9.22 -4.16 -0.61
N ALA A 119 8.77 -3.76 0.57
CA ALA A 119 7.88 -2.59 0.64
C ALA A 119 8.13 -1.83 1.93
N THR A 120 7.87 -0.54 1.88
CA THR A 120 7.86 0.30 3.09
C THR A 120 6.74 1.31 2.96
N SER A 121 6.21 1.69 4.09
CA SER A 121 5.08 2.64 4.13
C SER A 121 5.22 3.53 5.34
N LYS A 122 4.74 4.75 5.19
CA LYS A 122 4.61 5.72 6.29
C LYS A 122 3.13 5.93 6.53
N TRP A 123 2.74 5.75 7.77
CA TRP A 123 1.35 5.92 8.23
C TRP A 123 1.35 7.05 9.24
N VAL A 124 0.32 7.88 9.21
CA VAL A 124 0.17 9.04 10.12
C VAL A 124 -1.17 8.95 10.84
N MET A 125 -1.25 9.59 12.02
CA MET A 125 -2.49 9.71 12.80
C MET A 125 -3.42 10.71 12.12
N MET A 126 -4.69 10.39 12.05
CA MET A 126 -5.73 11.33 11.53
C MET A 126 -6.95 11.18 12.42
N ASN A 127 -7.59 12.29 12.78
CA ASN A 127 -8.91 12.18 13.45
C ASN A 127 -9.88 11.63 12.41
N GLN A 128 -10.62 10.59 12.76
CA GLN A 128 -11.44 9.87 11.75
C GLN A 128 -12.63 10.74 11.32
N ASP A 129 -13.03 11.71 12.13
CA ASP A 129 -14.22 12.53 11.83
C ASP A 129 -13.84 13.75 10.99
N THR A 130 -12.78 14.45 11.40
CA THR A 130 -12.40 15.72 10.76
C THR A 130 -11.40 15.51 9.63
N ARG A 131 -10.69 14.38 9.63
CA ARG A 131 -9.63 14.05 8.64
C ARG A 131 -8.41 14.96 8.88
N ARG A 132 -8.28 15.59 10.06
CA ARG A 132 -7.09 16.42 10.34
C ARG A 132 -5.99 15.51 10.87
N LEU A 133 -4.80 15.77 10.36
CA LEU A 133 -3.59 15.00 10.69
C LEU A 133 -3.16 15.45 12.08
N GLN A 134 -2.59 14.51 12.79
CA GLN A 134 -2.15 14.68 14.18
C GLN A 134 -0.76 14.07 14.26
N LYS A 135 0.00 14.54 15.24
CA LYS A 135 1.30 13.94 15.63
C LYS A 135 1.06 12.78 16.59
N VAL A 136 2.05 11.90 16.68
CA VAL A 136 1.95 10.73 17.58
C VAL A 136 2.35 11.18 18.98
N SER A 137 1.41 11.12 19.91
CA SER A 137 1.67 11.44 21.33
C SER A 137 2.50 10.33 21.99
N ASP A 138 3.11 10.65 23.13
CA ASP A 138 3.86 9.67 23.92
C ASP A 138 2.93 8.52 24.28
N ASP A 139 1.70 8.83 24.68
CA ASP A 139 0.75 7.78 25.12
C ASP A 139 0.53 6.77 23.99
N VAL A 140 0.32 7.24 22.77
CA VAL A 140 0.08 6.32 21.62
C VAL A 140 1.38 5.56 21.29
N ARG A 141 2.49 6.29 21.19
CA ARG A 141 3.79 5.64 20.84
C ARG A 141 4.11 4.59 21.89
N ASP A 142 3.88 4.86 23.17
CA ASP A 142 4.23 3.92 24.25
C ASP A 142 3.38 2.65 24.16
N GLU A 143 2.15 2.78 23.65
CA GLU A 143 1.24 1.64 23.49
C GLU A 143 1.75 0.71 22.41
N TYR A 144 2.33 1.21 21.33
CA TYR A 144 2.74 0.29 20.24
C TYR A 144 4.25 -0.01 20.22
N LEU A 145 5.05 0.78 20.95
CA LEU A 145 6.53 0.60 20.86
C LEU A 145 6.93 -0.80 21.29
N VAL A 146 6.19 -1.38 22.23
CA VAL A 146 6.51 -2.71 22.78
C VAL A 146 6.25 -3.81 21.76
N PHE A 147 5.72 -3.46 20.58
CA PHE A 147 5.50 -4.45 19.49
C PHE A 147 6.47 -4.24 18.35
N CYS A 148 7.44 -3.34 18.49
CA CYS A 148 8.34 -2.94 17.40
C CYS A 148 9.78 -3.25 17.76
N PRO A 149 10.61 -3.65 16.79
CA PRO A 149 12.05 -3.55 16.99
C PRO A 149 12.39 -2.07 17.23
N GLN A 150 13.34 -1.81 18.15
CA GLN A 150 13.67 -0.41 18.54
C GLN A 150 14.99 0.04 17.93
N GLU A 151 15.87 -0.87 17.55
CA GLU A 151 17.02 -0.56 16.68
C GLU A 151 16.59 -0.67 15.23
N PRO A 152 17.31 -0.02 14.31
CA PRO A 152 16.81 0.05 12.94
C PRO A 152 16.70 -1.33 12.29
N ARG A 153 15.60 -1.50 11.57
CA ARG A 153 15.39 -2.69 10.73
C ARG A 153 14.67 -2.20 9.49
N LEU A 154 15.38 -2.00 8.39
CA LEU A 154 14.79 -1.35 7.18
C LEU A 154 14.67 -2.39 6.08
N ALA A 155 13.48 -2.48 5.48
CA ALA A 155 13.28 -3.28 4.26
C ALA A 155 14.12 -2.68 3.15
N PHE A 156 14.28 -1.36 3.11
CA PHE A 156 15.12 -0.76 2.05
C PHE A 156 16.58 -0.70 2.54
N LYS A 166 11.35 14.35 -3.16
CA LYS A 166 9.92 14.71 -3.30
C LYS A 166 9.38 14.24 -4.66
N ILE A 167 8.12 13.84 -4.71
CA ILE A 167 7.44 13.57 -6.01
C ILE A 167 6.87 14.89 -6.49
N PRO A 168 7.20 15.33 -7.72
CA PRO A 168 6.68 16.57 -8.26
C PRO A 168 5.22 16.42 -8.69
N LYS A 169 4.61 17.57 -8.94
CA LYS A 169 3.21 17.65 -9.39
C LYS A 169 3.19 17.64 -10.92
N LEU A 170 2.47 16.68 -11.49
CA LEU A 170 2.27 16.53 -12.94
C LEU A 170 1.73 17.85 -13.50
N GLU A 171 2.36 18.33 -14.56
CA GLU A 171 1.94 19.60 -15.19
C GLU A 171 1.01 19.31 -16.37
N ASP A 172 0.05 20.20 -16.55
CA ASP A 172 -0.88 20.18 -17.70
C ASP A 172 -0.08 20.57 -18.94
N PRO A 173 -0.31 19.93 -20.11
CA PRO A 173 -1.21 18.79 -20.25
C PRO A 173 -0.61 17.41 -19.96
N ALA A 174 -1.44 16.52 -19.45
CA ALA A 174 -1.05 15.12 -19.17
C ALA A 174 -0.83 14.42 -20.51
N GLN A 175 0.15 13.53 -20.59
CA GLN A 175 0.38 12.71 -21.81
C GLN A 175 -0.75 11.70 -21.97
N TYR A 176 -1.15 11.08 -20.88
CA TYR A 176 -2.17 10.02 -20.85
C TYR A 176 -3.16 10.30 -19.73
N SER A 177 -4.38 9.83 -19.90
CA SER A 177 -5.44 9.96 -18.89
C SER A 177 -6.40 8.77 -18.97
N MET A 178 -6.97 8.49 -17.81
CA MET A 178 -8.23 7.72 -17.68
C MET A 178 -9.12 8.54 -16.78
N ILE A 179 -10.19 9.08 -17.35
CA ILE A 179 -11.08 9.96 -16.58
C ILE A 179 -12.33 9.21 -16.17
N GLY A 180 -12.99 9.75 -15.16
CA GLY A 180 -14.37 9.36 -14.84
C GLY A 180 -14.34 8.03 -14.13
N LEU A 181 -13.19 7.71 -13.54
CA LEU A 181 -13.04 6.46 -12.75
C LEU A 181 -13.92 6.59 -11.52
N LYS A 182 -14.80 5.61 -11.35
CA LYS A 182 -15.67 5.54 -10.16
C LYS A 182 -15.44 4.20 -9.49
N PRO A 183 -15.36 4.20 -8.15
CA PRO A 183 -15.33 2.97 -7.37
C PRO A 183 -16.69 2.27 -7.46
N ARG A 184 -16.67 0.94 -7.37
CA ARG A 184 -17.88 0.14 -7.17
C ARG A 184 -17.80 -0.40 -5.74
N ARG A 185 -18.85 -1.06 -5.28
CA ARG A 185 -18.92 -1.47 -3.86
C ARG A 185 -17.74 -2.38 -3.54
N ALA A 186 -17.27 -3.19 -4.49
CA ALA A 186 -16.12 -4.10 -4.26
C ALA A 186 -14.85 -3.32 -3.87
N ASP A 187 -14.78 -2.03 -4.20
CA ASP A 187 -13.59 -1.19 -3.90
C ASP A 187 -13.62 -0.64 -2.47
N LEU A 188 -14.72 -0.83 -1.74
CA LEU A 188 -14.84 -0.31 -0.35
C LEU A 188 -14.42 -1.40 0.64
N ASP A 189 -13.78 -0.97 1.71
CA ASP A 189 -13.35 -1.89 2.79
C ASP A 189 -14.48 -2.07 3.80
N MET A 190 -14.20 -2.79 4.88
CA MET A 190 -15.25 -3.15 5.87
C MET A 190 -15.77 -1.88 6.58
N ASN A 191 -15.08 -0.75 6.43
CA ASN A 191 -15.47 0.56 7.02
C ASN A 191 -16.12 1.47 5.96
N GLN A 192 -16.42 0.93 4.78
CA GLN A 192 -17.07 1.66 3.65
C GLN A 192 -16.19 2.83 3.21
N HIS A 193 -14.89 2.74 3.47
CA HIS A 193 -13.86 3.59 2.81
C HIS A 193 -13.36 2.88 1.56
N VAL A 194 -13.02 3.68 0.54
CA VAL A 194 -12.31 3.18 -0.67
C VAL A 194 -11.01 2.52 -0.21
N ASN A 195 -10.84 1.25 -0.57
CA ASN A 195 -9.60 0.48 -0.30
C ASN A 195 -8.41 1.22 -0.90
N ASN A 196 -7.30 1.31 -0.16
CA ASN A 196 -6.10 1.97 -0.72
C ASN A 196 -5.60 1.35 -2.02
N VAL A 197 -5.68 0.03 -2.19
CA VAL A 197 -5.13 -0.71 -3.38
C VAL A 197 -5.83 -0.18 -4.61
N THR A 198 -7.04 0.33 -4.42
CA THR A 198 -7.83 0.92 -5.51
C THR A 198 -6.99 2.03 -6.15
N TYR A 199 -6.28 2.81 -5.33
CA TYR A 199 -5.46 3.94 -5.83
C TYR A 199 -4.36 3.41 -6.75
N ILE A 200 -3.77 2.26 -6.44
CA ILE A 200 -2.72 1.68 -7.29
C ILE A 200 -3.37 1.31 -8.62
N GLY A 201 -4.50 0.61 -8.56
CA GLY A 201 -5.22 0.26 -9.79
C GLY A 201 -5.56 1.49 -10.65
N TRP A 202 -6.02 2.56 -10.01
CA TRP A 202 -6.39 3.80 -10.75
C TRP A 202 -5.16 4.45 -11.40
N VAL A 203 -4.03 4.42 -10.72
CA VAL A 203 -2.78 4.99 -11.29
C VAL A 203 -2.48 4.22 -12.57
N LEU A 204 -2.51 2.88 -12.50
CA LEU A 204 -2.08 2.00 -13.62
C LEU A 204 -3.05 2.14 -14.81
N GLU A 205 -4.30 2.52 -14.55
CA GLU A 205 -5.33 2.59 -15.64
C GLU A 205 -4.91 3.57 -16.72
N SER A 206 -4.16 4.61 -16.40
CA SER A 206 -3.75 5.61 -17.40
C SER A 206 -2.43 5.24 -18.07
N ILE A 207 -1.80 4.12 -17.68
CA ILE A 207 -0.57 3.65 -18.39
C ILE A 207 -1.04 3.01 -19.69
N PRO A 208 -0.43 3.35 -20.85
CA PRO A 208 -0.86 2.72 -22.11
C PRO A 208 -0.79 1.19 -22.10
N GLN A 209 -1.74 0.56 -22.77
CA GLN A 209 -1.85 -0.92 -22.84
C GLN A 209 -0.56 -1.52 -23.41
N GLU A 210 0.06 -0.85 -24.40
CA GLU A 210 1.32 -1.31 -25.04
C GLU A 210 2.42 -1.43 -23.98
N ILE A 211 2.50 -0.48 -23.04
CA ILE A 211 3.55 -0.53 -21.97
C ILE A 211 3.21 -1.71 -21.07
N VAL A 212 1.96 -1.85 -20.63
CA VAL A 212 1.57 -2.97 -19.73
C VAL A 212 1.83 -4.31 -20.44
N ASP A 213 1.61 -4.39 -21.76
CA ASP A 213 1.78 -5.65 -22.52
C ASP A 213 3.26 -6.05 -22.57
N THR A 214 4.17 -5.08 -22.61
CA THR A 214 5.61 -5.31 -22.96
C THR A 214 6.53 -5.12 -21.76
N HIS A 215 6.01 -4.63 -20.62
CA HIS A 215 6.85 -4.28 -19.45
C HIS A 215 6.26 -4.89 -18.19
N GLU A 216 7.07 -5.00 -17.15
CA GLU A 216 6.58 -5.35 -15.79
C GLU A 216 6.88 -4.17 -14.89
N LEU A 217 5.98 -3.93 -13.94
CA LEU A 217 6.20 -2.88 -12.92
C LEU A 217 7.25 -3.36 -11.91
N GLN A 218 8.31 -2.57 -11.76
CA GLN A 218 9.42 -2.84 -10.82
C GLN A 218 9.27 -2.02 -9.54
N VAL A 219 8.94 -0.75 -9.65
CA VAL A 219 8.83 0.13 -8.44
C VAL A 219 7.61 1.00 -8.60
N ILE A 220 6.83 1.14 -7.52
CA ILE A 220 5.79 2.19 -7.41
C ILE A 220 6.00 2.93 -6.12
N THR A 221 5.86 4.25 -6.18
CA THR A 221 5.88 5.13 -5.01
C THR A 221 4.63 5.99 -5.09
N LEU A 222 3.80 5.96 -4.08
CA LEU A 222 2.59 6.79 -4.02
C LEU A 222 2.65 7.67 -2.77
N ASP A 223 2.40 8.96 -2.95
CA ASP A 223 2.07 9.87 -1.84
C ASP A 223 0.54 9.90 -1.77
N TYR A 224 -0.01 9.94 -0.56
CA TYR A 224 -1.46 10.12 -0.33
C TYR A 224 -1.60 11.50 0.31
N ARG A 225 -2.43 12.35 -0.30
CA ARG A 225 -2.54 13.77 0.08
C ARG A 225 -3.80 13.96 0.93
N ARG A 226 -4.85 13.29 0.50
CA ARG A 226 -6.25 13.52 0.87
C ARG A 226 -6.94 12.21 0.51
N GLU A 227 -7.66 11.60 1.45
CA GLU A 227 -8.39 10.36 1.12
C GLU A 227 -9.44 10.75 0.08
N CYS A 228 -9.99 9.76 -0.64
CA CYS A 228 -11.11 9.86 -1.62
C CYS A 228 -12.43 9.15 -1.18
N GLN A 229 -13.63 9.45 -1.77
CA GLN A 229 -15.01 8.99 -1.29
C GLN A 229 -15.86 8.18 -2.32
N GLN A 230 -16.97 7.58 -1.83
CA GLN A 230 -17.77 6.57 -2.59
C GLN A 230 -18.48 7.21 -3.78
N ASP A 231 -18.92 8.47 -3.60
CA ASP A 231 -19.81 9.22 -4.53
C ASP A 231 -18.96 9.97 -5.56
N ASP A 232 -17.63 9.90 -5.41
CA ASP A 232 -16.67 10.72 -6.19
C ASP A 232 -16.27 10.08 -7.51
N VAL A 233 -15.64 10.92 -8.31
CA VAL A 233 -15.13 10.58 -9.65
C VAL A 233 -13.71 11.12 -9.67
N VAL A 234 -12.83 10.28 -10.18
CA VAL A 234 -11.36 10.51 -10.14
C VAL A 234 -10.86 10.46 -11.55
N ASP A 235 -9.91 11.33 -11.83
CA ASP A 235 -9.12 11.32 -13.07
C ASP A 235 -7.70 10.86 -12.71
N SER A 236 -7.26 9.86 -13.46
CA SER A 236 -5.88 9.32 -13.43
C SER A 236 -5.08 9.93 -14.57
N LEU A 237 -4.01 10.64 -14.24
CA LEU A 237 -3.18 11.39 -15.21
C LEU A 237 -1.77 10.82 -15.15
N THR A 238 -1.16 10.62 -16.30
CA THR A 238 0.19 10.05 -16.40
C THR A 238 1.00 10.76 -17.47
N THR A 239 2.25 11.07 -17.18
CA THR A 239 3.21 11.52 -18.20
C THR A 239 4.48 10.71 -18.08
N THR A 240 5.08 10.35 -19.22
CA THR A 240 6.40 9.68 -19.26
C THR A 240 7.49 10.64 -18.83
N THR A 241 8.40 10.21 -17.97
CA THR A 241 9.57 11.02 -17.50
C THR A 241 10.89 10.44 -18.02
N SER A 242 10.92 9.20 -18.52
CA SER A 242 12.13 8.63 -19.18
C SER A 242 12.20 9.09 -20.65
N ASP A 260 14.43 0.89 -19.49
CA ASP A 260 13.32 1.06 -18.52
C ASP A 260 12.39 2.17 -18.98
N SER A 261 11.16 2.15 -18.49
CA SER A 261 10.15 3.22 -18.68
C SER A 261 9.85 3.80 -17.30
N GLN A 262 9.70 5.11 -17.23
CA GLN A 262 9.44 5.82 -15.95
C GLN A 262 8.28 6.77 -16.16
N PHE A 263 7.36 6.86 -15.20
CA PHE A 263 6.18 7.74 -15.31
C PHE A 263 6.01 8.55 -14.05
N LEU A 264 5.38 9.70 -14.24
CA LEU A 264 4.83 10.55 -13.17
C LEU A 264 3.31 10.43 -13.20
N HIS A 265 2.69 10.40 -12.03
CA HIS A 265 1.24 10.13 -11.88
C HIS A 265 0.62 11.17 -10.97
N LEU A 266 -0.63 11.50 -11.28
CA LEU A 266 -1.45 12.38 -10.43
C LEU A 266 -2.88 11.85 -10.48
N LEU A 267 -3.47 11.59 -9.30
CA LEU A 267 -4.93 11.35 -9.18
C LEU A 267 -5.55 12.63 -8.61
N ARG A 268 -6.55 13.15 -9.31
CA ARG A 268 -7.30 14.31 -8.77
C ARG A 268 -8.79 14.12 -8.99
N LEU A 269 -9.56 14.77 -8.13
CA LEU A 269 -11.03 14.76 -8.23
C LEU A 269 -11.44 15.34 -9.59
N SER A 270 -12.51 14.80 -10.15
CA SER A 270 -13.16 15.25 -11.39
C SER A 270 -13.37 16.77 -11.35
N GLY A 271 -13.34 17.39 -12.51
CA GLY A 271 -13.64 18.83 -12.65
C GLY A 271 -12.44 19.68 -12.28
N ASP A 272 -11.23 19.15 -12.47
CA ASP A 272 -9.99 19.87 -12.11
C ASP A 272 -10.02 20.18 -10.62
N GLY A 273 -10.45 19.18 -9.83
CA GLY A 273 -10.59 19.30 -8.37
C GLY A 273 -9.32 18.96 -7.65
N GLN A 274 -9.44 18.66 -6.37
CA GLN A 274 -8.28 18.53 -5.45
C GLN A 274 -7.48 17.27 -5.79
N GLU A 275 -6.18 17.38 -5.62
CA GLU A 275 -5.23 16.24 -5.71
C GLU A 275 -5.57 15.21 -4.62
N ILE A 276 -5.66 13.94 -4.99
CA ILE A 276 -5.84 12.78 -4.05
CA ILE A 276 -5.80 12.87 -3.96
C ILE A 276 -4.47 12.11 -3.80
N ASN A 277 -3.75 11.82 -4.89
CA ASN A 277 -2.49 11.02 -4.90
C ASN A 277 -1.53 11.61 -5.93
N ARG A 278 -0.24 11.52 -5.69
CA ARG A 278 0.78 11.63 -6.74
C ARG A 278 1.74 10.47 -6.59
N GLY A 279 2.38 10.10 -7.68
CA GLY A 279 3.28 8.95 -7.62
C GLY A 279 4.23 8.83 -8.77
N THR A 280 5.09 7.85 -8.70
CA THR A 280 5.99 7.47 -9.80
C THR A 280 5.97 5.97 -9.96
N THR A 281 6.22 5.49 -11.18
CA THR A 281 6.42 4.08 -11.46
C THR A 281 7.64 3.91 -12.35
N LEU A 282 8.30 2.79 -12.15
CA LEU A 282 9.45 2.33 -12.95
C LEU A 282 9.14 0.94 -13.48
N TRP A 283 9.26 0.79 -14.80
CA TRP A 283 8.90 -0.44 -15.52
C TRP A 283 10.11 -1.02 -16.25
N ARG A 284 10.29 -2.33 -16.16
CA ARG A 284 11.34 -3.14 -16.83
C ARG A 284 10.70 -3.85 -18.03
N LYS A 285 11.43 -3.99 -19.15
CA LYS A 285 10.95 -4.80 -20.31
C LYS A 285 10.84 -6.26 -19.87
N LYS A 286 9.85 -6.99 -20.41
CA LYS A 286 9.63 -8.44 -20.12
C LYS A 286 10.79 -9.26 -20.68
C18 A1IOW B . 2.27 -0.30 15.11
C17 A1IOW B . 2.11 -1.78 15.09
C16 A1IOW B . 3.12 -2.59 15.62
C15 A1IOW B . 2.99 -3.98 15.61
C14 A1IOW B . 1.83 -4.56 15.09
C13 A1IOW B . 0.84 -3.77 14.57
C12 A1IOW B . 0.95 -2.37 14.59
C11 A1IOW B . -0.15 -1.57 13.97
O2 A1IOW B . 0.15 -1.33 12.61
C9 A1IOW B . -0.88 -0.64 11.90
C7 A1IOW B . -0.27 0.11 10.74
O1 A1IOW B . -0.18 -0.93 9.76
C8 A1IOW B . 1.10 0.72 11.00
C6 A1IOW B . -1.31 1.05 10.12
C5 A1IOW B . -2.21 0.08 9.36
C10 A1IOW B . -1.85 -1.58 11.21
C4 A1IOW B . -1.57 -1.28 9.71
C2 A1IOW B . -1.81 -2.44 8.75
C3 A1IOW B . -1.34 -2.15 7.35
C1 A1IOW B . -3.28 -2.88 8.77
S SO4 C . 11.03 6.66 19.25
O1 SO4 C . 11.94 5.80 18.52
O2 SO4 C . 9.80 5.94 19.53
O3 SO4 C . 11.66 6.97 20.57
O4 SO4 C . 10.79 7.83 18.56
S SO4 D . -3.91 20.65 17.01
O1 SO4 D . -3.14 21.57 16.23
O2 SO4 D . -3.02 19.80 17.75
O3 SO4 D . -4.77 21.36 17.92
O4 SO4 D . -4.72 19.82 16.13
C1 GOL E . 1.41 -6.50 -12.89
O1 GOL E . 0.31 -6.02 -12.12
C2 GOL E . 2.40 -5.37 -13.16
O2 GOL E . 3.52 -5.76 -13.96
C3 GOL E . 1.69 -4.18 -13.76
O3 GOL E . 0.82 -4.53 -14.85
#